data_1GS4
#
_entry.id   1GS4
#
_cell.length_a   56.350
_cell.length_b   66.230
_cell.length_c   73.050
_cell.angle_alpha   90.00
_cell.angle_beta   90.00
_cell.angle_gamma   90.00
#
_symmetry.space_group_name_H-M   'P 21 21 21'
#
loop_
_entity.id
_entity.type
_entity.pdbx_description
1 polymer 'ANDROGEN RECEPTOR'
2 non-polymer 9ALPHA-FLUOROCORTISOL
3 non-polymer 'PHOSPHATE ION'
4 water water
#
_entity_poly.entity_id   1
_entity_poly.type   'polypeptide(L)'
_entity_poly.pdbx_seq_one_letter_code
;QPIFLNVLEAIEPGVVCAGHDNNQPDSFAALHSSLNELGERQLVHVVKWAKALPGFRNLHVDDQMAVIQYSWMGLMVFAM
GWRSFTNVNSRMLYFAPDLVFNEYRMHKSRMYSQCVRMRHLSQEFGWLQITPQEFLCMKALLLFSIIPVDGLKNQKFFDE
LRMNYIKELDRIIACKRKNPTSCSRRFYQLTKLLDSVQPIARELHQFAFDLLIKSHMVSVDFPEMMAEIISVQVPKILSG
KVKPIYFH
;
_entity_poly.pdbx_strand_id   A
#
# COMPACT_ATOMS: atom_id res chain seq x y z
N GLN A 1 9.54 5.86 -24.94
CA GLN A 1 9.53 4.40 -25.02
C GLN A 1 9.66 3.77 -23.64
N PRO A 2 10.87 3.44 -23.22
CA PRO A 2 11.04 2.88 -21.87
C PRO A 2 11.18 3.97 -20.83
N ILE A 3 10.93 5.23 -21.17
CA ILE A 3 11.23 6.29 -20.21
C ILE A 3 10.43 6.11 -18.91
N PHE A 4 9.12 5.89 -19.02
CA PHE A 4 8.30 5.76 -17.81
C PHE A 4 8.82 4.65 -16.91
N LEU A 5 9.08 3.47 -17.47
CA LEU A 5 9.58 2.38 -16.64
C LEU A 5 10.98 2.61 -16.11
N ASN A 6 11.85 3.26 -16.90
CA ASN A 6 13.19 3.57 -16.37
C ASN A 6 13.04 4.31 -15.06
N VAL A 7 12.09 5.25 -15.06
CA VAL A 7 11.92 6.10 -13.87
C VAL A 7 11.40 5.24 -12.72
N LEU A 8 10.34 4.47 -12.95
CA LEU A 8 9.73 3.69 -11.87
C LEU A 8 10.73 2.73 -11.23
N GLU A 9 11.53 2.09 -12.09
CA GLU A 9 12.56 1.17 -11.62
C GLU A 9 13.64 1.95 -10.87
N ALA A 10 14.02 3.12 -11.38
CA ALA A 10 15.08 3.82 -10.62
C ALA A 10 14.61 4.36 -9.29
N ILE A 11 13.33 4.71 -9.15
CA ILE A 11 12.96 5.27 -7.85
C ILE A 11 12.42 4.21 -6.89
N GLU A 12 12.31 2.95 -7.30
CA GLU A 12 11.76 1.96 -6.36
C GLU A 12 12.55 1.89 -5.07
N PRO A 13 11.91 2.12 -3.93
CA PRO A 13 12.65 2.09 -2.67
C PRO A 13 13.25 0.71 -2.41
N GLY A 14 14.30 0.65 -1.59
CA GLY A 14 14.89 -0.63 -1.23
C GLY A 14 14.30 -1.18 0.06
N VAL A 15 14.97 -2.18 0.61
CA VAL A 15 14.57 -2.90 1.81
C VAL A 15 14.53 -1.98 3.03
N VAL A 16 13.47 -2.05 3.80
CA VAL A 16 13.31 -1.35 5.07
C VAL A 16 13.18 -2.36 6.19
N CYS A 17 13.96 -2.29 7.26
CA CYS A 17 13.72 -3.14 8.41
C CYS A 17 12.77 -2.47 9.40
N ALA A 18 12.13 -3.29 10.20
CA ALA A 18 11.19 -2.88 11.23
C ALA A 18 11.89 -2.56 12.55
N GLY A 19 13.06 -3.15 12.71
CA GLY A 19 13.86 -2.97 13.93
C GLY A 19 13.35 -3.90 15.00
N HIS A 20 12.56 -4.89 14.57
CA HIS A 20 11.97 -5.79 15.56
C HIS A 20 13.01 -6.63 16.29
N ASP A 21 12.80 -6.83 17.59
CA ASP A 21 13.61 -7.69 18.44
C ASP A 21 13.02 -9.09 18.46
N ASN A 22 13.56 -9.95 17.60
CA ASN A 22 12.98 -11.29 17.44
C ASN A 22 13.26 -12.17 18.64
N ASN A 23 14.02 -11.68 19.63
CA ASN A 23 14.28 -12.49 20.82
C ASN A 23 13.13 -12.39 21.81
N GLN A 24 12.24 -11.46 21.52
CA GLN A 24 11.04 -11.15 22.27
C GLN A 24 9.94 -12.18 22.09
N PRO A 25 9.20 -12.55 23.13
CA PRO A 25 8.04 -13.42 22.89
C PRO A 25 7.09 -12.70 21.93
N ASP A 26 6.43 -13.46 21.05
CA ASP A 26 5.45 -12.96 20.11
C ASP A 26 4.17 -12.58 20.84
N SER A 27 4.01 -11.29 21.11
CA SER A 27 2.89 -10.76 21.85
C SER A 27 2.18 -9.69 21.03
N PHE A 28 0.90 -9.49 21.28
CA PHE A 28 0.10 -8.48 20.59
C PHE A 28 0.78 -7.12 20.61
N ALA A 29 1.06 -6.56 21.79
CA ALA A 29 1.67 -5.24 21.90
C ALA A 29 3.01 -5.16 21.19
N ALA A 30 3.91 -6.13 21.38
CA ALA A 30 5.20 -6.04 20.71
C ALA A 30 5.10 -6.15 19.19
N LEU A 31 4.18 -6.96 18.66
CA LEU A 31 4.11 -7.10 17.20
C LEU A 31 3.58 -5.84 16.54
N HIS A 32 2.44 -5.36 17.04
CA HIS A 32 1.88 -4.14 16.44
C HIS A 32 2.80 -2.96 16.72
N SER A 33 3.56 -2.95 17.80
CA SER A 33 4.54 -1.90 18.01
C SER A 33 5.61 -1.88 16.92
N SER A 34 6.11 -3.06 16.57
CA SER A 34 7.07 -3.18 15.48
C SER A 34 6.42 -2.83 14.16
N LEU A 35 5.19 -3.24 13.94
CA LEU A 35 4.57 -2.90 12.64
C LEU A 35 4.40 -1.40 12.44
N ASN A 36 4.04 -0.72 13.51
CA ASN A 36 3.88 0.72 13.49
C ASN A 36 5.22 1.40 13.22
N GLU A 37 6.27 0.86 13.83
CA GLU A 37 7.59 1.44 13.57
C GLU A 37 7.97 1.21 12.11
N LEU A 38 7.70 -0.01 11.67
CA LEU A 38 7.87 -0.32 10.25
C LEU A 38 7.12 0.67 9.38
N GLY A 39 5.82 0.82 9.67
CA GLY A 39 5.01 1.77 8.92
C GLY A 39 5.68 3.14 8.86
N GLU A 40 6.15 3.68 9.99
CA GLU A 40 6.73 5.04 9.95
C GLU A 40 7.96 5.10 9.05
N ARG A 41 8.84 4.09 9.11
CA ARG A 41 10.04 4.04 8.28
C ARG A 41 9.69 3.88 6.80
N GLN A 42 8.67 3.06 6.53
CA GLN A 42 8.28 2.95 5.14
C GLN A 42 7.67 4.26 4.66
N LEU A 43 6.90 4.93 5.51
CA LEU A 43 6.25 6.15 5.05
C LEU A 43 7.24 7.19 4.57
N VAL A 44 8.34 7.29 5.32
CA VAL A 44 9.42 8.18 4.89
C VAL A 44 9.87 7.87 3.48
N HIS A 45 10.02 6.60 3.13
CA HIS A 45 10.42 6.24 1.79
C HIS A 45 9.28 6.44 0.80
N VAL A 46 8.04 6.24 1.24
CA VAL A 46 6.94 6.42 0.27
C VAL A 46 6.85 7.88 -0.14
N VAL A 47 7.13 8.80 0.78
CA VAL A 47 7.01 10.22 0.44
C VAL A 47 8.02 10.61 -0.64
N LYS A 48 9.25 10.10 -0.49
CA LYS A 48 10.31 10.49 -1.39
C LYS A 48 10.10 9.87 -2.76
N TRP A 49 9.56 8.65 -2.75
CA TRP A 49 9.24 7.90 -3.97
C TRP A 49 8.16 8.61 -4.75
N ALA A 50 7.08 8.94 -4.02
CA ALA A 50 5.99 9.65 -4.68
C ALA A 50 6.42 10.98 -5.27
N LYS A 51 7.19 11.78 -4.55
CA LYS A 51 7.61 13.09 -5.07
C LYS A 51 8.48 12.96 -6.31
N ALA A 52 9.07 11.78 -6.54
CA ALA A 52 9.89 11.59 -7.73
C ALA A 52 9.11 10.89 -8.84
N LEU A 53 7.82 10.60 -8.64
CA LEU A 53 7.13 9.99 -9.77
C LEU A 53 6.89 11.04 -10.85
N PRO A 54 6.87 10.61 -12.10
CA PRO A 54 6.58 11.51 -13.22
C PRO A 54 5.29 12.29 -13.04
N GLY A 55 5.36 13.61 -13.11
CA GLY A 55 4.19 14.46 -13.01
C GLY A 55 3.65 14.71 -11.63
N PHE A 56 4.04 13.98 -10.59
CA PHE A 56 3.44 14.14 -9.28
C PHE A 56 3.47 15.57 -8.79
N ARG A 57 4.57 16.28 -9.06
CA ARG A 57 4.69 17.64 -8.55
C ARG A 57 3.82 18.58 -9.37
N ASN A 58 3.13 18.08 -10.41
CA ASN A 58 2.13 18.92 -11.06
C ASN A 58 0.92 19.11 -10.15
N LEU A 59 0.71 18.19 -9.21
CA LEU A 59 -0.39 18.31 -8.26
C LEU A 59 -0.16 19.49 -7.33
N HIS A 60 -1.23 20.18 -6.95
CA HIS A 60 -1.09 21.18 -5.88
C HIS A 60 -0.40 20.53 -4.68
N VAL A 61 0.54 21.24 -4.07
CA VAL A 61 1.29 20.73 -2.94
C VAL A 61 0.39 20.19 -1.83
N ASP A 62 -0.77 20.80 -1.62
CA ASP A 62 -1.80 20.35 -0.70
C ASP A 62 -2.34 18.95 -1.05
N ASP A 63 -2.51 18.70 -2.33
CA ASP A 63 -3.03 17.46 -2.88
C ASP A 63 -1.95 16.38 -2.79
N GLN A 64 -0.71 16.82 -3.02
CA GLN A 64 0.44 15.92 -2.89
C GLN A 64 0.41 15.20 -1.56
N MET A 65 0.30 15.96 -0.47
CA MET A 65 0.34 15.33 0.85
C MET A 65 -0.87 14.45 1.12
N ALA A 66 -2.02 14.92 0.66
CA ALA A 66 -3.28 14.22 0.91
C ALA A 66 -3.31 12.88 0.18
N VAL A 67 -2.94 12.84 -1.11
CA VAL A 67 -3.07 11.52 -1.73
C VAL A 67 -2.07 10.55 -1.13
N ILE A 68 -0.92 11.04 -0.68
CA ILE A 68 0.03 10.12 -0.03
C ILE A 68 -0.55 9.66 1.29
N GLN A 69 -1.21 10.59 2.00
CA GLN A 69 -1.71 10.17 3.31
C GLN A 69 -2.96 9.30 3.20
N TYR A 70 -3.73 9.42 2.13
CA TYR A 70 -4.88 8.51 2.00
C TYR A 70 -4.52 7.17 1.40
N SER A 71 -3.51 7.13 0.53
CA SER A 71 -3.25 5.86 -0.17
C SER A 71 -2.15 5.01 0.44
N TRP A 72 -1.47 5.47 1.48
CA TRP A 72 -0.29 4.74 1.92
C TRP A 72 -0.60 3.33 2.38
N MET A 73 -1.73 3.10 3.05
CA MET A 73 -2.04 1.75 3.51
C MET A 73 -2.11 0.78 2.34
N GLY A 74 -2.87 1.16 1.31
CA GLY A 74 -2.98 0.28 0.14
C GLY A 74 -1.65 0.07 -0.55
N LEU A 75 -0.86 1.13 -0.73
CA LEU A 75 0.46 1.03 -1.32
C LEU A 75 1.34 0.02 -0.56
N MET A 76 1.31 0.09 0.77
CA MET A 76 2.23 -0.68 1.60
C MET A 76 1.78 -2.14 1.65
N VAL A 77 0.47 -2.35 1.67
CA VAL A 77 -0.06 -3.71 1.62
C VAL A 77 0.27 -4.39 0.30
N PHE A 78 0.00 -3.65 -0.78
CA PHE A 78 0.38 -4.15 -2.11
C PHE A 78 1.86 -4.43 -2.17
N ALA A 79 2.72 -3.49 -1.74
CA ALA A 79 4.16 -3.78 -1.86
C ALA A 79 4.56 -4.97 -1.02
N MET A 80 3.92 -5.11 0.15
CA MET A 80 4.22 -6.18 1.07
C MET A 80 3.85 -7.55 0.46
N GLY A 81 2.74 -7.55 -0.28
CA GLY A 81 2.32 -8.79 -0.95
C GLY A 81 3.34 -9.20 -2.00
N TRP A 82 3.88 -8.20 -2.71
CA TRP A 82 4.90 -8.46 -3.71
C TRP A 82 6.18 -9.01 -3.07
N ARG A 83 6.64 -8.40 -2.00
CA ARG A 83 7.77 -8.86 -1.20
C ARG A 83 7.56 -10.32 -0.79
N SER A 84 6.33 -10.56 -0.31
CA SER A 84 6.06 -11.90 0.24
C SER A 84 6.11 -12.91 -0.90
N PHE A 85 5.56 -12.54 -2.05
CA PHE A 85 5.56 -13.39 -3.24
C PHE A 85 6.99 -13.68 -3.68
N THR A 86 7.76 -12.61 -3.89
CA THR A 86 9.10 -12.82 -4.42
C THR A 86 10.07 -13.36 -3.38
N ASN A 87 9.71 -13.40 -2.10
CA ASN A 87 10.78 -13.82 -1.19
C ASN A 87 10.49 -15.18 -0.56
N VAL A 88 9.23 -15.44 -0.30
CA VAL A 88 8.83 -16.64 0.42
C VAL A 88 7.62 -17.23 -0.29
N ASN A 89 7.61 -17.00 -1.61
CA ASN A 89 6.49 -17.48 -2.41
C ASN A 89 5.13 -17.25 -1.75
N SER A 90 4.97 -16.15 -1.03
CA SER A 90 3.69 -15.82 -0.43
C SER A 90 3.26 -16.83 0.64
N ARG A 91 4.20 -17.62 1.17
CA ARG A 91 3.75 -18.65 2.12
C ARG A 91 3.54 -18.02 3.49
N MET A 92 4.24 -16.92 3.73
CA MET A 92 4.06 -16.16 4.95
C MET A 92 4.05 -14.67 4.60
N LEU A 93 3.68 -13.82 5.55
CA LEU A 93 3.71 -12.39 5.30
C LEU A 93 5.07 -11.79 5.61
N TYR A 94 5.79 -11.36 4.58
CA TYR A 94 7.12 -10.77 4.69
C TYR A 94 7.11 -9.27 4.92
N PHE A 95 6.74 -8.78 6.10
CA PHE A 95 6.61 -7.34 6.32
C PHE A 95 7.98 -6.70 6.14
N ALA A 96 8.99 -7.40 6.67
CA ALA A 96 10.36 -6.88 6.63
C ALA A 96 11.34 -8.04 6.79
N PRO A 97 12.61 -7.90 6.41
CA PRO A 97 13.56 -9.00 6.63
C PRO A 97 13.54 -9.47 8.08
N ASP A 98 13.40 -8.54 9.02
CA ASP A 98 13.38 -8.92 10.43
C ASP A 98 11.99 -9.01 11.01
N LEU A 99 10.92 -9.06 10.22
CA LEU A 99 9.58 -9.16 10.82
C LEU A 99 8.68 -9.96 9.88
N VAL A 100 8.93 -11.26 9.85
CA VAL A 100 8.21 -12.20 8.98
C VAL A 100 7.15 -12.90 9.81
N PHE A 101 5.88 -12.81 9.37
CA PHE A 101 4.80 -13.42 10.14
C PHE A 101 4.60 -14.89 9.71
N ASN A 102 4.62 -15.78 10.68
CA ASN A 102 4.22 -17.18 10.56
C ASN A 102 2.79 -17.31 11.09
N GLU A 103 2.20 -18.50 11.12
CA GLU A 103 0.82 -18.60 11.61
C GLU A 103 0.65 -18.15 13.06
N TYR A 104 1.63 -18.48 13.89
CA TYR A 104 1.55 -18.09 15.29
C TYR A 104 1.46 -16.58 15.40
N ARG A 105 2.30 -15.86 14.66
CA ARG A 105 2.25 -14.39 14.78
C ARG A 105 0.92 -13.83 14.27
N MET A 106 0.37 -14.48 13.25
CA MET A 106 -0.91 -14.05 12.68
C MET A 106 -1.95 -14.09 13.80
N HIS A 107 -1.91 -15.19 14.55
CA HIS A 107 -2.88 -15.33 15.63
C HIS A 107 -2.60 -14.39 16.80
N LYS A 108 -1.33 -14.25 17.19
CA LYS A 108 -1.09 -13.41 18.38
C LYS A 108 -1.37 -11.94 18.06
N SER A 109 -1.28 -11.58 16.77
CA SER A 109 -1.49 -10.19 16.39
C SER A 109 -2.96 -9.85 16.42
N ARG A 110 -3.81 -10.85 16.59
CA ARG A 110 -5.26 -10.68 16.64
C ARG A 110 -5.84 -10.15 15.33
N MET A 111 -5.12 -10.33 14.22
CA MET A 111 -5.71 -9.94 12.94
C MET A 111 -5.49 -11.06 11.92
N TYR A 112 -5.74 -12.28 12.40
CA TYR A 112 -5.53 -13.46 11.59
C TYR A 112 -6.31 -13.39 10.29
N SER A 113 -7.59 -13.04 10.34
CA SER A 113 -8.35 -13.11 9.08
C SER A 113 -7.88 -12.02 8.12
N GLN A 114 -7.51 -10.85 8.65
CA GLN A 114 -6.94 -9.87 7.70
C GLN A 114 -5.65 -10.38 7.08
N CYS A 115 -4.80 -11.04 7.88
CA CYS A 115 -3.58 -11.63 7.33
C CYS A 115 -3.83 -12.66 6.24
N VAL A 116 -4.95 -13.38 6.40
CA VAL A 116 -5.23 -14.39 5.37
C VAL A 116 -5.59 -13.69 4.07
N ARG A 117 -6.38 -12.62 4.20
CA ARG A 117 -6.68 -11.85 2.99
C ARG A 117 -5.41 -11.24 2.43
N MET A 118 -4.49 -10.81 3.30
CA MET A 118 -3.23 -10.29 2.73
C MET A 118 -2.44 -11.38 2.04
N ARG A 119 -2.50 -12.57 2.62
CA ARG A 119 -1.79 -13.66 1.93
C ARG A 119 -2.45 -14.03 0.61
N HIS A 120 -3.78 -14.02 0.58
CA HIS A 120 -4.47 -14.24 -0.70
C HIS A 120 -4.01 -13.21 -1.71
N LEU A 121 -4.06 -11.91 -1.35
CA LEU A 121 -3.56 -10.90 -2.29
C LEU A 121 -2.17 -11.26 -2.78
N SER A 122 -1.29 -11.60 -1.83
CA SER A 122 0.07 -11.99 -2.18
C SER A 122 0.08 -13.10 -3.22
N GLN A 123 -0.78 -14.10 -3.00
CA GLN A 123 -0.80 -15.29 -3.86
C GLN A 123 -1.17 -14.92 -5.28
N GLU A 124 -1.90 -13.83 -5.45
CA GLU A 124 -2.30 -13.42 -6.79
C GLU A 124 -1.12 -13.05 -7.67
N PHE A 125 -0.07 -12.47 -7.07
CA PHE A 125 1.08 -12.16 -7.93
C PHE A 125 1.56 -13.41 -8.66
N GLY A 126 1.50 -14.53 -7.92
CA GLY A 126 1.90 -15.85 -8.39
C GLY A 126 0.87 -16.43 -9.34
N TRP A 127 -0.42 -16.41 -9.01
CA TRP A 127 -1.45 -16.90 -9.91
C TRP A 127 -1.37 -16.19 -11.27
N LEU A 128 -1.24 -14.87 -11.25
CA LEU A 128 -1.32 -14.11 -12.50
C LEU A 128 0.03 -13.94 -13.17
N GLN A 129 1.07 -14.46 -12.53
CA GLN A 129 2.41 -14.28 -13.09
C GLN A 129 2.65 -12.79 -13.35
N ILE A 130 2.33 -11.97 -12.35
CA ILE A 130 2.56 -10.53 -12.45
C ILE A 130 4.03 -10.20 -12.67
N THR A 131 4.32 -9.44 -13.72
CA THR A 131 5.70 -9.06 -14.01
C THR A 131 6.15 -7.89 -13.13
N PRO A 132 7.45 -7.73 -12.96
CA PRO A 132 7.98 -6.60 -12.16
C PRO A 132 7.56 -5.28 -12.76
N GLN A 133 7.45 -5.24 -14.09
CA GLN A 133 7.00 -3.98 -14.68
C GLN A 133 5.53 -3.72 -14.41
N GLU A 134 4.70 -4.77 -14.41
CA GLU A 134 3.29 -4.59 -14.13
C GLU A 134 3.15 -4.22 -12.65
N PHE A 135 3.92 -4.89 -11.79
CA PHE A 135 3.88 -4.55 -10.37
C PHE A 135 4.16 -3.06 -10.20
N LEU A 136 5.23 -2.57 -10.81
CA LEU A 136 5.66 -1.18 -10.60
C LEU A 136 4.59 -0.22 -11.09
N CYS A 137 3.99 -0.49 -12.25
CA CYS A 137 2.95 0.40 -12.76
CA CYS A 137 2.98 0.47 -12.71
C CYS A 137 1.69 0.37 -11.91
N MET A 138 1.29 -0.84 -11.52
CA MET A 138 0.13 -0.97 -10.66
C MET A 138 0.35 -0.24 -9.34
N LYS A 139 1.57 -0.35 -8.78
CA LYS A 139 1.78 0.31 -7.49
C LYS A 139 1.68 1.82 -7.63
N ALA A 140 2.18 2.37 -8.73
CA ALA A 140 2.13 3.81 -8.95
C ALA A 140 0.69 4.30 -9.06
N LEU A 141 -0.13 3.55 -9.78
CA LEU A 141 -1.56 3.84 -9.90
C LEU A 141 -2.31 3.76 -8.58
N LEU A 142 -1.89 2.94 -7.61
CA LEU A 142 -2.48 2.90 -6.28
C LEU A 142 -2.35 4.23 -5.55
N LEU A 143 -1.29 4.96 -5.90
CA LEU A 143 -1.10 6.26 -5.23
C LEU A 143 -2.25 7.17 -5.62
N PHE A 144 -2.81 6.95 -6.79
CA PHE A 144 -3.88 7.80 -7.33
C PHE A 144 -5.25 7.14 -7.28
N SER A 145 -5.47 6.32 -6.25
CA SER A 145 -6.72 5.55 -6.27
C SER A 145 -7.64 5.84 -5.10
N ILE A 146 -7.39 6.90 -4.35
CA ILE A 146 -8.27 7.21 -3.22
C ILE A 146 -8.26 8.71 -2.91
N ILE A 147 -9.43 9.35 -2.97
CA ILE A 147 -9.58 10.79 -2.87
C ILE A 147 -10.86 11.24 -2.18
N PRO A 148 -10.89 12.48 -1.70
CA PRO A 148 -12.05 13.05 -1.02
C PRO A 148 -13.30 13.01 -1.90
N VAL A 149 -14.47 12.71 -1.34
CA VAL A 149 -15.63 12.75 -2.23
C VAL A 149 -15.86 14.18 -2.72
N ASP A 150 -15.39 15.19 -1.97
CA ASP A 150 -15.71 16.53 -2.48
C ASP A 150 -14.57 17.09 -3.34
N GLY A 151 -13.67 16.22 -3.75
CA GLY A 151 -12.59 16.42 -4.68
C GLY A 151 -11.39 17.08 -4.03
N LEU A 152 -10.24 17.11 -4.71
CA LEU A 152 -9.04 17.74 -4.20
C LEU A 152 -8.98 19.23 -4.54
N LYS A 153 -7.92 19.87 -4.06
CA LYS A 153 -7.66 21.28 -4.29
C LYS A 153 -7.62 21.55 -5.79
N ASN A 154 -6.82 20.79 -6.51
CA ASN A 154 -6.82 20.89 -7.97
C ASN A 154 -7.15 19.56 -8.62
N GLN A 155 -8.44 19.26 -8.67
CA GLN A 155 -8.91 17.94 -9.11
C GLN A 155 -8.60 17.66 -10.56
N LYS A 156 -8.73 18.66 -11.43
CA LYS A 156 -8.45 18.38 -12.84
C LYS A 156 -7.03 17.90 -13.06
N PHE A 157 -6.06 18.43 -12.29
CA PHE A 157 -4.68 17.99 -12.41
C PHE A 157 -4.56 16.51 -12.03
N PHE A 158 -5.26 16.12 -10.97
CA PHE A 158 -5.22 14.71 -10.53
C PHE A 158 -5.82 13.79 -11.58
N ASP A 159 -6.97 14.18 -12.13
CA ASP A 159 -7.60 13.36 -13.17
C ASP A 159 -6.70 13.09 -14.37
N GLU A 160 -5.89 14.06 -14.82
CA GLU A 160 -5.08 13.81 -16.01
C GLU A 160 -3.91 12.90 -15.66
N LEU A 161 -3.43 13.13 -14.43
CA LEU A 161 -2.33 12.29 -13.96
C LEU A 161 -2.79 10.84 -13.89
N ARG A 162 -3.96 10.67 -13.23
CA ARG A 162 -4.46 9.31 -13.05
C ARG A 162 -4.73 8.71 -14.42
N MET A 163 -5.34 9.54 -15.27
CA MET A 163 -5.53 9.09 -16.64
C MET A 163 -4.22 8.64 -17.26
N ASN A 164 -3.18 9.47 -17.14
CA ASN A 164 -1.95 9.00 -17.80
C ASN A 164 -1.36 7.75 -17.15
N TYR A 165 -1.45 7.58 -15.82
CA TYR A 165 -0.91 6.33 -15.28
C TYR A 165 -1.72 5.14 -15.73
N ILE A 166 -3.03 5.29 -15.98
CA ILE A 166 -3.75 4.09 -16.48
C ILE A 166 -3.25 3.77 -17.87
N LYS A 167 -2.99 4.81 -18.65
CA LYS A 167 -2.43 4.64 -19.99
C LYS A 167 -1.08 3.94 -19.96
N GLU A 168 -0.22 4.32 -19.02
CA GLU A 168 1.10 3.67 -18.94
C GLU A 168 0.96 2.17 -18.66
N LEU A 169 -0.05 1.80 -17.88
CA LEU A 169 -0.40 0.42 -17.56
C LEU A 169 -0.88 -0.35 -18.78
N ASP A 170 -1.87 0.19 -19.49
CA ASP A 170 -2.24 -0.43 -20.75
C ASP A 170 -1.00 -0.58 -21.63
N ARG A 171 -0.16 0.44 -21.72
CA ARG A 171 1.07 0.32 -22.51
C ARG A 171 1.98 -0.81 -22.06
N ILE A 172 2.18 -0.97 -20.75
CA ILE A 172 3.10 -2.00 -20.31
C ILE A 172 2.52 -3.36 -20.62
N ILE A 173 1.18 -3.38 -20.69
CA ILE A 173 0.58 -4.67 -21.04
C ILE A 173 0.73 -4.88 -22.54
N ALA A 174 0.40 -3.84 -23.32
CA ALA A 174 0.47 -3.92 -24.77
C ALA A 174 1.90 -4.04 -25.27
N CYS A 175 2.88 -4.07 -24.36
CA CYS A 175 4.25 -4.16 -24.84
C CYS A 175 4.89 -5.43 -24.29
N LYS A 176 4.05 -6.43 -24.12
CA LYS A 176 4.33 -7.73 -23.53
C LYS A 176 4.44 -8.84 -24.57
N ARG A 177 5.24 -9.86 -24.26
CA ARG A 177 5.46 -11.05 -25.05
C ARG A 177 4.22 -11.94 -25.10
N SER A 182 -4.18 -11.84 -24.93
CA SER A 182 -5.30 -10.90 -24.87
C SER A 182 -4.98 -9.77 -23.89
N CYS A 183 -4.66 -8.62 -24.47
CA CYS A 183 -4.38 -7.46 -23.62
C CYS A 183 -5.67 -7.11 -22.89
N SER A 184 -6.77 -7.26 -23.61
CA SER A 184 -8.09 -7.05 -23.05
C SER A 184 -8.26 -7.89 -21.78
N ARG A 185 -7.88 -9.17 -21.88
CA ARG A 185 -8.07 -10.01 -20.70
C ARG A 185 -7.08 -9.60 -19.60
N ARG A 186 -5.87 -9.23 -19.96
CA ARG A 186 -4.89 -8.87 -18.94
C ARG A 186 -5.36 -7.64 -18.18
N PHE A 187 -5.77 -6.63 -18.97
CA PHE A 187 -6.15 -5.37 -18.33
C PHE A 187 -7.28 -5.60 -17.34
N TYR A 188 -8.27 -6.42 -17.72
CA TYR A 188 -9.37 -6.74 -16.83
C TYR A 188 -8.85 -7.40 -15.55
N GLN A 189 -7.84 -8.27 -15.71
CA GLN A 189 -7.32 -8.98 -14.55
C GLN A 189 -6.58 -8.06 -13.60
N LEU A 190 -5.74 -7.18 -14.15
CA LEU A 190 -4.93 -6.30 -13.29
C LEU A 190 -5.84 -5.25 -12.64
N THR A 191 -6.93 -4.87 -13.30
CA THR A 191 -7.80 -3.88 -12.66
C THR A 191 -8.61 -4.54 -11.54
N LYS A 192 -8.99 -5.79 -11.73
CA LYS A 192 -9.63 -6.51 -10.61
C LYS A 192 -8.66 -6.65 -9.45
N LEU A 193 -7.39 -6.96 -9.73
CA LEU A 193 -6.42 -7.08 -8.63
C LEU A 193 -6.26 -5.77 -7.88
N LEU A 194 -6.05 -4.70 -8.62
CA LEU A 194 -5.99 -3.36 -8.02
C LEU A 194 -7.20 -3.04 -7.16
N ASP A 195 -8.40 -3.30 -7.67
CA ASP A 195 -9.60 -3.05 -6.89
C ASP A 195 -9.57 -3.84 -5.58
N SER A 196 -8.98 -5.03 -5.64
CA SER A 196 -9.05 -5.92 -4.47
C SER A 196 -8.18 -5.40 -3.33
N VAL A 197 -7.31 -4.44 -3.65
CA VAL A 197 -6.44 -3.89 -2.60
C VAL A 197 -7.27 -3.08 -1.61
N GLN A 198 -8.29 -2.41 -2.13
CA GLN A 198 -9.00 -1.42 -1.33
C GLN A 198 -9.76 -2.00 -0.15
N PRO A 199 -10.54 -3.05 -0.33
CA PRO A 199 -11.27 -3.62 0.81
C PRO A 199 -10.32 -4.06 1.91
N ILE A 200 -9.14 -4.54 1.51
CA ILE A 200 -8.14 -4.99 2.47
C ILE A 200 -7.62 -3.78 3.26
N ALA A 201 -7.26 -2.73 2.52
CA ALA A 201 -6.81 -1.46 3.07
C ALA A 201 -7.82 -0.91 4.08
N ARG A 202 -9.09 -1.00 3.70
CA ARG A 202 -10.19 -0.53 4.54
C ARG A 202 -10.25 -1.34 5.83
N GLU A 203 -10.04 -2.65 5.78
CA GLU A 203 -10.00 -3.43 7.02
C GLU A 203 -8.85 -3.03 7.93
N LEU A 204 -7.68 -2.78 7.35
CA LEU A 204 -6.52 -2.43 8.15
C LEU A 204 -6.67 -1.03 8.72
N HIS A 205 -7.31 -0.14 7.95
CA HIS A 205 -7.57 1.20 8.46
C HIS A 205 -8.44 1.16 9.73
N GLN A 206 -9.47 0.33 9.65
CA GLN A 206 -10.38 0.18 10.79
C GLN A 206 -9.63 -0.39 11.97
N PHE A 207 -8.80 -1.39 11.65
CA PHE A 207 -8.05 -2.05 12.72
C PHE A 207 -7.09 -1.06 13.35
N ALA A 208 -6.37 -0.30 12.52
CA ALA A 208 -5.41 0.62 13.16
C ALA A 208 -6.14 1.70 13.97
N PHE A 209 -7.27 2.16 13.46
CA PHE A 209 -8.03 3.18 14.18
C PHE A 209 -8.48 2.67 15.54
N ASP A 210 -9.12 1.50 15.54
CA ASP A 210 -9.50 0.92 16.83
C ASP A 210 -8.30 0.76 17.75
N LEU A 211 -7.17 0.28 17.23
CA LEU A 211 -5.99 0.09 18.08
C LEU A 211 -5.53 1.42 18.64
N LEU A 212 -5.52 2.46 17.80
CA LEU A 212 -5.01 3.73 18.32
C LEU A 212 -5.91 4.27 19.43
N ILE A 213 -7.22 4.09 19.33
CA ILE A 213 -8.13 4.55 20.37
C ILE A 213 -7.84 3.83 21.68
N LYS A 214 -7.59 2.52 21.62
CA LYS A 214 -7.32 1.83 22.89
C LYS A 214 -5.83 1.62 23.14
N SER A 215 -5.00 2.29 22.36
CA SER A 215 -3.56 2.23 22.43
C SER A 215 -3.06 2.17 23.88
N HIS A 216 -3.37 3.20 24.65
CA HIS A 216 -2.91 3.34 26.02
C HIS A 216 -3.47 2.27 26.96
N MET A 217 -4.12 1.25 26.43
CA MET A 217 -4.66 0.17 27.25
C MET A 217 -4.20 -1.20 26.74
N VAL A 218 -3.77 -1.26 25.48
CA VAL A 218 -3.27 -2.52 24.93
C VAL A 218 -1.76 -2.46 24.76
N SER A 219 -1.19 -1.37 25.26
CA SER A 219 0.22 -1.04 25.29
C SER A 219 0.89 -1.11 23.92
N VAL A 220 0.24 -0.53 22.92
CA VAL A 220 0.77 -0.45 21.56
C VAL A 220 1.22 0.96 21.24
N ASP A 221 2.46 1.13 20.80
CA ASP A 221 2.96 2.48 20.54
C ASP A 221 2.81 2.89 19.07
N PHE A 222 2.45 4.15 18.89
CA PHE A 222 2.25 4.86 17.65
C PHE A 222 3.28 5.97 17.48
N PRO A 223 4.17 5.82 16.52
CA PRO A 223 5.10 6.92 16.20
C PRO A 223 4.29 8.10 15.68
N GLU A 224 4.94 9.26 15.67
CA GLU A 224 4.26 10.53 15.50
C GLU A 224 3.43 10.58 14.24
N MET A 225 4.11 10.35 13.12
CA MET A 225 3.40 10.55 11.86
C MET A 225 2.20 9.61 11.77
N MET A 226 2.27 8.48 12.46
CA MET A 226 1.19 7.50 12.38
C MET A 226 0.01 7.86 13.28
N ALA A 227 0.27 8.21 14.54
CA ALA A 227 -0.81 8.68 15.40
C ALA A 227 -1.53 9.85 14.76
N GLU A 228 -0.77 10.68 14.02
CA GLU A 228 -1.43 11.80 13.37
C GLU A 228 -2.24 11.33 12.16
N ILE A 229 -1.61 10.50 11.34
CA ILE A 229 -2.32 10.10 10.13
C ILE A 229 -3.56 9.29 10.49
N ILE A 230 -3.44 8.51 11.56
CA ILE A 230 -4.53 7.58 11.87
C ILE A 230 -5.66 8.29 12.61
N SER A 231 -5.37 9.43 13.24
CA SER A 231 -6.44 10.17 13.90
C SER A 231 -6.91 11.37 13.10
N VAL A 232 -6.18 11.78 12.06
CA VAL A 232 -6.63 12.93 11.27
C VAL A 232 -7.10 12.45 9.90
N GLN A 233 -6.31 11.59 9.27
CA GLN A 233 -6.65 11.21 7.90
C GLN A 233 -7.51 9.96 7.82
N VAL A 234 -7.20 8.97 8.65
CA VAL A 234 -7.93 7.72 8.52
C VAL A 234 -9.41 7.83 8.83
N PRO A 235 -9.81 8.59 9.85
CA PRO A 235 -11.25 8.75 10.11
C PRO A 235 -11.99 9.32 8.91
N LYS A 236 -11.33 10.14 8.08
CA LYS A 236 -12.03 10.68 6.91
C LYS A 236 -12.40 9.57 5.93
N ILE A 237 -11.50 8.58 5.86
CA ILE A 237 -11.82 7.43 5.03
C ILE A 237 -12.86 6.59 5.74
N LEU A 238 -12.74 6.36 7.06
CA LEU A 238 -13.75 5.47 7.67
C LEU A 238 -15.11 6.15 7.69
N SER A 239 -15.11 7.49 7.78
CA SER A 239 -16.42 8.15 7.80
C SER A 239 -16.98 8.37 6.40
N GLY A 240 -16.28 7.90 5.38
CA GLY A 240 -16.77 8.05 4.01
C GLY A 240 -16.54 9.38 3.36
N LYS A 241 -15.79 10.29 3.98
CA LYS A 241 -15.44 11.54 3.29
C LYS A 241 -14.39 11.36 2.19
N VAL A 242 -13.64 10.28 2.32
CA VAL A 242 -12.58 9.96 1.37
C VAL A 242 -12.86 8.53 0.91
N LYS A 243 -12.91 8.33 -0.40
CA LYS A 243 -13.27 7.01 -0.91
C LYS A 243 -12.34 6.54 -2.02
N PRO A 244 -12.07 5.24 -2.06
CA PRO A 244 -11.30 4.68 -3.16
C PRO A 244 -11.99 4.86 -4.51
N ILE A 245 -11.13 4.92 -5.52
CA ILE A 245 -11.57 4.93 -6.89
C ILE A 245 -11.52 3.51 -7.43
N TYR A 246 -12.66 2.87 -7.66
CA TYR A 246 -12.73 1.50 -8.16
C TYR A 246 -12.84 1.46 -9.67
N PHE A 247 -12.24 0.47 -10.33
CA PHE A 247 -12.46 0.32 -11.76
C PHE A 247 -13.82 -0.33 -12.06
N HIS A 248 -14.23 -1.31 -11.27
CA HIS A 248 -15.43 -2.11 -11.56
C HIS A 248 -16.54 -1.91 -10.54
#